data_7QK0
#
_entry.id   7QK0
#
_cell.length_a   66.839
_cell.length_b   66.839
_cell.length_c   167.279
_cell.angle_alpha   90.000
_cell.angle_beta   90.000
_cell.angle_gamma   120.000
#
_symmetry.space_group_name_H-M   'P 61 2 2'
#
loop_
_entity.id
_entity.type
_entity.pdbx_description
1 polymer 'B-cell lymphoma 6 protein'
2 non-polymer (2~{S})-10-[[5-chloranyl-2-[(3~{S},5~{R})-3-methyl-5-oxidanyl-piperidin-1-yl]pyrimidin-4-yl]amino]-2-cyclopropyl-3,3-bis(fluoranyl)-7-methyl-2,4-dihydro-1~{H}-[1,4]oxazepino[2,3-c]quinolin-6-one
3 non-polymer 'CHLORIDE ION'
4 non-polymer 1,2-ETHANEDIOL
5 non-polymer 'DIMETHYL SULFOXIDE'
6 water water
#
_entity_poly.entity_id   1
_entity_poly.type   'polypeptide(L)'
_entity_poly.pdbx_seq_one_letter_code
;GPGLDYKDDDDKENLYFQGADSCIQFTRHASDVLLNLNRLRSRDILTDVVIVVSREQFRAHKTVLMACSGLFYSIFTDQL
KCNLSVINLDPEINPEGFCILLDFMYTSRLNLREGNIMAVMATAMYLQMEHVVDTCRKFIKASE
;
_entity_poly.pdbx_strand_id   A
#
loop_
_chem_comp.id
_chem_comp.type
_chem_comp.name
_chem_comp.formula
CL non-polymer 'CHLORIDE ION' 'Cl -1'
DMS non-polymer 'DIMETHYL SULFOXIDE' 'C2 H6 O S'
EBL non-polymer (2~{S})-10-[[5-chloranyl-2-[(3~{S},5~{R})-3-methyl-5-oxidanyl-piperidin-1-yl]pyrimidin-4-yl]amino]-2-cyclopropyl-3,3-bis(fluoranyl)-7-methyl-2,4-dihydro-1~{H}-[1,4]oxazepino[2,3-c]quinolin-6-one 'C26 H29 Cl F2 N6 O3'
EDO non-polymer 1,2-ETHANEDIOL 'C2 H6 O2'
#
# COMPACT_ATOMS: atom_id res chain seq x y z
CA ASN A 14 3.99 27.53 -12.06
C ASN A 14 3.68 26.15 -11.53
N LEU A 15 3.33 26.04 -10.24
CA LEU A 15 2.95 24.78 -9.63
C LEU A 15 1.50 24.34 -10.04
N TYR A 16 0.95 24.97 -11.07
CA TYR A 16 -0.38 24.66 -11.56
C TYR A 16 -0.45 24.83 -13.08
N PHE A 17 -1.46 24.21 -13.68
CA PHE A 17 -1.64 24.27 -15.12
C PHE A 17 -3.13 24.22 -15.49
N GLN A 18 -3.41 24.51 -16.75
CA GLN A 18 -4.76 24.42 -17.21
C GLN A 18 -4.96 22.97 -17.52
N GLY A 19 -5.99 22.40 -16.93
CA GLY A 19 -6.33 21.01 -17.14
C GLY A 19 -7.08 20.81 -18.43
N ALA A 20 -7.31 19.56 -18.81
CA ALA A 20 -8.09 19.28 -20.02
C ALA A 20 -9.51 19.85 -19.89
N ASP A 21 -10.10 19.75 -18.70
CA ASP A 21 -11.40 20.31 -18.34
C ASP A 21 -11.28 21.80 -17.94
N SER A 22 -12.34 22.41 -17.46
CA SER A 22 -12.23 23.82 -17.10
C SER A 22 -11.21 24.16 -16.00
N CYS A 23 -11.10 23.31 -14.99
CA CYS A 23 -10.28 23.54 -13.81
C CYS A 23 -8.77 23.71 -13.92
N ILE A 24 -8.21 24.53 -13.02
CA ILE A 24 -6.77 24.62 -12.96
C ILE A 24 -6.36 23.41 -12.10
N GLN A 25 -5.26 22.77 -12.43
CA GLN A 25 -4.81 21.58 -11.72
C GLN A 25 -3.46 21.84 -11.10
N PHE A 26 -3.26 21.32 -9.88
CA PHE A 26 -2.03 21.53 -9.15
C PHE A 26 -1.18 20.28 -9.29
N THR A 27 -0.06 20.44 -9.98
CA THR A 27 0.88 19.40 -10.36
C THR A 27 1.30 18.44 -9.25
N ARG A 28 1.73 18.97 -8.11
CA ARG A 28 2.24 18.12 -7.03
C ARG A 28 1.21 17.82 -5.95
N HIS A 29 -0.05 18.18 -6.16
CA HIS A 29 -1.08 17.97 -5.13
C HIS A 29 -1.18 16.54 -4.64
N ALA A 30 -1.41 15.56 -5.53
CA ALA A 30 -1.57 14.18 -5.12
C ALA A 30 -0.35 13.62 -4.39
N SER A 31 0.87 13.86 -4.89
CA SER A 31 2.06 13.32 -4.22
C SER A 31 2.34 14.06 -2.89
N ASP A 32 1.95 15.34 -2.79
CA ASP A 32 2.11 16.09 -1.53
C ASP A 32 1.08 15.58 -0.51
N VAL A 33 -0.13 15.21 -0.93
CA VAL A 33 -1.15 14.64 -0.04
C VAL A 33 -0.63 13.29 0.48
N LEU A 34 -0.12 12.45 -0.41
CA LEU A 34 0.42 11.14 -0.06
C LEU A 34 1.59 11.27 0.91
N LEU A 35 2.44 12.31 0.74
CA LEU A 35 3.54 12.57 1.65
C LEU A 35 3.02 12.91 3.04
N ASN A 36 1.94 13.71 3.12
CA ASN A 36 1.36 14.09 4.40
C ASN A 36 0.71 12.90 5.07
N LEU A 37 0.07 12.01 4.29
CA LEU A 37 -0.51 10.79 4.85
C LEU A 37 0.60 9.90 5.41
N ASN A 38 1.76 9.82 4.74
CA ASN A 38 2.88 9.01 5.26
C ASN A 38 3.48 9.64 6.53
N ARG A 39 3.43 11.00 6.64
CA ARG A 39 3.88 11.73 7.82
C ARG A 39 2.98 11.39 8.99
N LEU A 40 1.67 11.37 8.78
CA LEU A 40 0.70 10.95 9.80
C LEU A 40 0.98 9.50 10.23
N ARG A 41 1.24 8.60 9.27
CA ARG A 41 1.55 7.21 9.59
C ARG A 41 2.81 7.11 10.46
N SER A 42 3.91 7.79 10.08
N SER A 42 3.91 7.79 10.08
CA SER A 42 5.15 7.76 10.87
CA SER A 42 5.15 7.76 10.86
C SER A 42 4.93 8.25 12.29
C SER A 42 4.98 8.30 12.28
N ARG A 43 4.07 9.25 12.47
CA ARG A 43 3.80 9.80 13.80
C ARG A 43 2.65 9.09 14.53
N ASP A 44 2.05 8.07 13.90
CA ASP A 44 0.94 7.30 14.43
C ASP A 44 -0.28 8.18 14.68
N ILE A 45 -0.55 9.13 13.79
CA ILE A 45 -1.68 10.03 13.91
C ILE A 45 -2.85 9.56 13.06
N LEU A 46 -4.00 9.37 13.73
CA LEU A 46 -5.28 8.94 13.15
C LEU A 46 -5.23 7.58 12.47
N THR A 47 -4.22 6.74 12.83
CA THR A 47 -4.17 5.37 12.37
C THR A 47 -5.33 4.63 13.06
N ASP A 48 -6.03 3.79 12.31
CA ASP A 48 -7.24 3.14 12.81
C ASP A 48 -7.24 1.63 12.65
N VAL A 49 -6.10 1.03 12.30
CA VAL A 49 -6.02 -0.42 12.14
C VAL A 49 -4.59 -0.88 12.38
N VAL A 50 -4.45 -2.11 12.90
CA VAL A 50 -3.18 -2.80 13.05
C VAL A 50 -3.26 -3.99 12.11
N ILE A 51 -2.28 -4.13 11.22
CA ILE A 51 -2.23 -5.28 10.34
C ILE A 51 -1.19 -6.22 10.95
N VAL A 52 -1.57 -7.45 11.24
CA VAL A 52 -0.64 -8.37 11.85
C VAL A 52 -0.14 -9.39 10.84
N VAL A 53 1.16 -9.45 10.67
CA VAL A 53 1.73 -10.40 9.75
C VAL A 53 2.71 -11.20 10.58
N SER A 54 2.35 -12.45 10.85
CA SER A 54 3.12 -13.34 11.69
C SER A 54 3.35 -12.61 13.00
N ARG A 55 4.59 -12.51 13.42
CA ARG A 55 4.89 -11.79 14.64
C ARG A 55 4.67 -10.25 14.59
N GLU A 56 4.98 -9.63 13.48
CA GLU A 56 4.91 -8.17 13.30
C GLU A 56 3.55 -7.48 13.23
N GLN A 57 3.52 -6.23 13.68
CA GLN A 57 2.32 -5.41 13.67
C GLN A 57 2.62 -4.13 12.90
N PHE A 58 1.72 -3.73 12.02
CA PHE A 58 1.88 -2.54 11.20
C PHE A 58 0.67 -1.64 11.36
N ARG A 59 0.84 -0.43 11.88
CA ARG A 59 -0.27 0.50 12.03
C ARG A 59 -0.46 1.28 10.76
N ALA A 60 -1.72 1.51 10.38
CA ALA A 60 -2.00 2.17 9.11
C ALA A 60 -3.40 2.85 9.13
N HIS A 61 -3.79 3.49 8.02
CA HIS A 61 -5.08 4.10 7.84
C HIS A 61 -5.83 3.19 6.88
N LYS A 62 -7.01 2.72 7.30
CA LYS A 62 -7.86 1.87 6.48
C LYS A 62 -8.11 2.43 5.07
N THR A 63 -8.39 3.74 4.93
CA THR A 63 -8.64 4.33 3.62
C THR A 63 -7.43 4.19 2.70
N VAL A 64 -6.21 4.34 3.21
CA VAL A 64 -5.01 4.17 2.39
C VAL A 64 -4.84 2.72 1.96
N LEU A 65 -5.05 1.79 2.89
CA LEU A 65 -4.98 0.36 2.58
C LEU A 65 -6.01 -0.03 1.51
N MET A 66 -7.27 0.45 1.62
CA MET A 66 -8.31 0.20 0.62
C MET A 66 -7.94 0.82 -0.72
N ALA A 67 -7.43 2.07 -0.72
CA ALA A 67 -7.04 2.73 -1.97
C ALA A 67 -5.91 2.00 -2.70
N CYS A 68 -5.11 1.20 -1.97
CA CYS A 68 -3.94 0.52 -2.53
C CYS A 68 -4.01 -0.99 -2.61
N SER A 69 -5.16 -1.61 -2.41
CA SER A 69 -5.23 -3.07 -2.40
C SER A 69 -6.63 -3.59 -2.67
N GLY A 70 -6.76 -4.59 -3.54
CA GLY A 70 -8.07 -5.17 -3.81
C GLY A 70 -8.57 -5.99 -2.63
N LEU A 71 -7.64 -6.60 -1.87
CA LEU A 71 -8.00 -7.35 -0.68
C LEU A 71 -8.51 -6.39 0.42
N PHE A 72 -7.75 -5.33 0.75
CA PHE A 72 -8.22 -4.37 1.76
C PHE A 72 -9.50 -3.66 1.30
N TYR A 73 -9.66 -3.42 -0.01
CA TYR A 73 -10.90 -2.81 -0.52
C TYR A 73 -12.11 -3.73 -0.18
N SER A 74 -11.97 -5.04 -0.39
CA SER A 74 -13.02 -6.02 -0.11
C SER A 74 -13.30 -6.14 1.38
N ILE A 75 -12.25 -6.16 2.21
CA ILE A 75 -12.40 -6.26 3.66
C ILE A 75 -13.13 -5.04 4.23
N PHE A 76 -12.63 -3.82 3.96
CA PHE A 76 -13.20 -2.64 4.57
C PHE A 76 -14.50 -2.18 3.91
N THR A 77 -14.93 -2.79 2.78
CA THR A 77 -16.28 -2.51 2.25
C THR A 77 -17.30 -3.53 2.80
N ASP A 78 -16.84 -4.56 3.55
CA ASP A 78 -17.69 -5.54 4.15
C ASP A 78 -18.28 -4.94 5.42
N GLN A 79 -19.62 -4.98 5.55
CA GLN A 79 -20.34 -4.42 6.68
C GLN A 79 -19.88 -4.93 8.04
N LEU A 80 -19.39 -6.15 8.09
CA LEU A 80 -18.93 -6.74 9.34
C LEU A 80 -17.48 -6.37 9.64
N LYS A 81 -16.57 -6.51 8.66
CA LYS A 81 -15.13 -6.30 8.85
C LYS A 81 -14.66 -4.85 8.81
N CYS A 82 -15.47 -3.95 8.24
CA CYS A 82 -15.10 -2.54 8.18
C CYS A 82 -14.83 -1.93 9.55
N ASN A 83 -15.42 -2.51 10.61
CA ASN A 83 -15.32 -2.06 12.00
C ASN A 83 -14.19 -2.71 12.83
N LEU A 84 -13.42 -3.60 12.22
CA LEU A 84 -12.34 -4.27 12.93
C LEU A 84 -11.15 -3.33 13.07
N SER A 85 -10.53 -3.35 14.25
N SER A 85 -10.51 -3.34 14.25
CA SER A 85 -9.33 -2.55 14.51
CA SER A 85 -9.31 -2.54 14.48
C SER A 85 -8.04 -3.38 14.30
C SER A 85 -8.03 -3.37 14.27
N VAL A 86 -8.15 -4.71 14.18
CA VAL A 86 -7.02 -5.61 13.97
C VAL A 86 -7.37 -6.53 12.80
N ILE A 87 -6.48 -6.68 11.82
CA ILE A 87 -6.67 -7.59 10.70
C ILE A 87 -5.44 -8.50 10.68
N ASN A 88 -5.63 -9.81 10.73
CA ASN A 88 -4.51 -10.75 10.67
C ASN A 88 -4.40 -11.28 9.27
N LEU A 89 -3.23 -11.14 8.65
CA LEU A 89 -3.03 -11.68 7.31
C LEU A 89 -2.59 -13.15 7.43
N ASP A 90 -2.60 -13.86 6.29
CA ASP A 90 -2.18 -15.25 6.20
C ASP A 90 -0.78 -15.42 6.80
N PRO A 91 -0.57 -16.33 7.79
CA PRO A 91 0.76 -16.49 8.42
C PRO A 91 1.91 -16.82 7.47
N GLU A 92 1.59 -17.22 6.24
CA GLU A 92 2.61 -17.49 5.23
C GLU A 92 3.12 -16.21 4.55
N ILE A 93 2.42 -15.07 4.74
CA ILE A 93 2.86 -13.79 4.20
C ILE A 93 4.14 -13.38 4.91
N ASN A 94 5.15 -13.00 4.15
CA ASN A 94 6.44 -12.56 4.69
C ASN A 94 6.32 -11.12 5.20
N PRO A 95 6.66 -10.89 6.48
CA PRO A 95 6.53 -9.54 7.04
C PRO A 95 7.34 -8.48 6.28
N GLU A 96 8.57 -8.83 5.86
CA GLU A 96 9.39 -7.88 5.11
C GLU A 96 8.73 -7.50 3.77
N GLY A 97 8.15 -8.48 3.08
CA GLY A 97 7.45 -8.23 1.83
C GLY A 97 6.26 -7.33 2.03
N PHE A 98 5.49 -7.55 3.13
CA PHE A 98 4.36 -6.68 3.45
C PHE A 98 4.87 -5.26 3.76
N CYS A 99 5.95 -5.15 4.53
CA CYS A 99 6.52 -3.85 4.91
C CYS A 99 6.95 -3.02 3.67
N ILE A 100 7.58 -3.69 2.68
CA ILE A 100 7.99 -3.05 1.44
C ILE A 100 6.77 -2.51 0.68
N LEU A 101 5.70 -3.32 0.63
CA LEU A 101 4.47 -2.94 -0.06
C LEU A 101 3.70 -1.86 0.68
N LEU A 102 3.70 -1.88 2.03
CA LEU A 102 3.05 -0.83 2.84
C LEU A 102 3.77 0.49 2.60
N ASP A 103 5.12 0.49 2.55
CA ASP A 103 5.91 1.66 2.22
C ASP A 103 5.57 2.16 0.82
N PHE A 104 5.43 1.24 -0.16
CA PHE A 104 5.04 1.61 -1.51
C PHE A 104 3.68 2.29 -1.52
N MET A 105 2.69 1.76 -0.79
CA MET A 105 1.35 2.36 -0.73
C MET A 105 1.40 3.83 -0.33
N TYR A 106 2.22 4.13 0.65
CA TYR A 106 2.35 5.49 1.16
C TYR A 106 3.36 6.40 0.47
N THR A 107 4.19 5.87 -0.41
CA THR A 107 5.21 6.68 -1.06
C THR A 107 5.33 6.70 -2.59
N SER A 108 4.78 5.68 -3.24
CA SER A 108 4.82 5.34 -4.68
C SER A 108 6.13 4.65 -5.07
N ARG A 109 6.98 4.37 -4.09
CA ARG A 109 8.27 3.78 -4.31
C ARG A 109 8.34 2.35 -3.80
N LEU A 110 8.74 1.46 -4.67
CA LEU A 110 8.84 0.05 -4.37
C LEU A 110 10.31 -0.35 -4.28
N ASN A 111 10.77 -0.76 -3.09
CA ASN A 111 12.16 -1.14 -2.91
C ASN A 111 12.33 -2.61 -3.32
N LEU A 112 12.30 -2.86 -4.63
CA LEU A 112 12.37 -4.20 -5.19
C LEU A 112 13.83 -4.64 -5.36
N ARG A 113 14.18 -5.80 -4.80
CA ARG A 113 15.55 -6.33 -4.85
C ARG A 113 15.57 -7.82 -5.10
N GLU A 114 16.72 -8.38 -5.50
CA GLU A 114 16.83 -9.82 -5.76
C GLU A 114 16.41 -10.67 -4.55
N GLY A 115 16.83 -10.25 -3.36
CA GLY A 115 16.53 -10.98 -2.13
C GLY A 115 15.11 -10.85 -1.60
N ASN A 116 14.31 -9.92 -2.16
CA ASN A 116 12.94 -9.74 -1.68
C ASN A 116 11.87 -9.87 -2.78
N ILE A 117 12.26 -9.90 -4.06
CA ILE A 117 11.29 -9.89 -5.16
C ILE A 117 10.25 -11.04 -5.09
N MET A 118 10.64 -12.27 -4.70
CA MET A 118 9.68 -13.37 -4.61
C MET A 118 8.67 -13.10 -3.51
N ALA A 119 9.12 -12.62 -2.34
CA ALA A 119 8.19 -12.33 -1.23
C ALA A 119 7.30 -11.14 -1.56
N VAL A 120 7.85 -10.12 -2.25
CA VAL A 120 7.05 -8.96 -2.64
C VAL A 120 5.97 -9.39 -3.64
N MET A 121 6.35 -10.25 -4.61
CA MET A 121 5.38 -10.71 -5.61
C MET A 121 4.26 -11.53 -4.98
N ALA A 122 4.59 -12.50 -4.12
CA ALA A 122 3.58 -13.34 -3.47
C ALA A 122 2.64 -12.49 -2.59
N THR A 123 3.21 -11.49 -1.89
CA THR A 123 2.41 -10.64 -1.03
C THR A 123 1.49 -9.74 -1.87
N ALA A 124 1.99 -9.21 -2.99
CA ALA A 124 1.20 -8.35 -3.87
C ALA A 124 0.06 -9.16 -4.55
N MET A 125 0.29 -10.45 -4.82
CA MET A 125 -0.76 -11.33 -5.37
C MET A 125 -1.86 -11.51 -4.32
N TYR A 126 -1.47 -11.77 -3.07
CA TYR A 126 -2.42 -11.91 -1.96
C TYR A 126 -3.19 -10.60 -1.70
N LEU A 127 -2.50 -9.47 -1.74
CA LEU A 127 -3.11 -8.17 -1.48
C LEU A 127 -3.87 -7.58 -2.66
N GLN A 128 -3.81 -8.26 -3.80
CA GLN A 128 -4.42 -7.82 -5.05
C GLN A 128 -3.94 -6.47 -5.56
N MET A 129 -2.63 -6.40 -5.77
CA MET A 129 -1.97 -5.22 -6.31
C MET A 129 -1.41 -5.77 -7.64
N GLU A 130 -2.24 -5.68 -8.67
CA GLU A 130 -1.99 -6.28 -9.98
C GLU A 130 -0.80 -5.72 -10.75
N HIS A 131 -0.68 -4.40 -10.90
CA HIS A 131 0.45 -3.81 -11.60
C HIS A 131 1.78 -4.12 -10.90
N VAL A 132 1.80 -4.16 -9.55
CA VAL A 132 3.02 -4.56 -8.82
C VAL A 132 3.37 -6.02 -9.14
N VAL A 133 2.36 -6.91 -9.21
CA VAL A 133 2.61 -8.31 -9.59
C VAL A 133 3.20 -8.38 -11.01
N ASP A 134 2.59 -7.65 -11.96
CA ASP A 134 3.06 -7.63 -13.35
C ASP A 134 4.51 -7.12 -13.42
N THR A 135 4.85 -6.07 -12.65
CA THR A 135 6.21 -5.53 -12.62
C THR A 135 7.19 -6.58 -12.05
N CYS A 136 6.79 -7.30 -10.99
CA CYS A 136 7.64 -8.33 -10.39
C CYS A 136 7.90 -9.43 -11.40
N ARG A 137 6.87 -9.86 -12.14
CA ARG A 137 7.00 -10.90 -13.16
C ARG A 137 7.98 -10.45 -14.26
N LYS A 138 7.86 -9.21 -14.74
CA LYS A 138 8.76 -8.70 -15.78
C LYS A 138 10.23 -8.67 -15.32
N PHE A 139 10.50 -8.27 -14.06
CA PHE A 139 11.87 -8.23 -13.56
C PHE A 139 12.44 -9.66 -13.39
N ILE A 140 11.58 -10.63 -13.01
CA ILE A 140 12.02 -12.02 -12.86
C ILE A 140 12.34 -12.60 -14.25
N LYS A 141 11.44 -12.35 -15.22
CA LYS A 141 11.59 -12.80 -16.60
C LYS A 141 12.90 -12.27 -17.21
N ALA A 142 13.32 -11.05 -16.86
CA ALA A 142 14.55 -10.47 -17.40
C ALA A 142 15.82 -11.22 -16.96
N SER A 143 15.75 -11.99 -15.88
CA SER A 143 16.92 -12.74 -15.40
C SER A 143 17.00 -14.18 -15.94
N GLU A 144 15.93 -14.69 -16.58
CA GLU A 144 15.94 -16.04 -17.13
C GLU A 144 15.96 -16.03 -18.65
C1 EBL B . -2.43 -1.54 -6.08
C2 EBL B . -3.55 0.72 -6.43
C3 EBL B . -3.47 2.19 -6.06
C4 EBL B . -2.98 3.17 -7.08
C5 EBL B . -4.41 3.15 -6.71
C6 EBL B . -5.24 -1.04 -6.29
C15 EBL B . -12.48 -0.73 -7.89
C16 EBL B . -13.41 -1.77 -7.30
C17 EBL B . -14.84 -1.46 -7.69
C18 EBL B . -15.25 -0.04 -7.33
C24 EBL B . -4.56 -1.96 -7.04
C25 EBL B . -5.13 -3.16 -7.56
O2 EBL B . -4.55 -3.94 -8.29
O EBL B . -3.21 -1.86 -7.25
N EBL B . -4.76 0.13 -5.87
C EBL B . -2.26 -0.04 -6.05
F1 EBL B . -1.70 0.34 -4.86
F EBL B . -1.29 0.32 -6.93
N1 EBL B . -6.46 -3.36 -7.25
C9 EBL B . -7.10 -4.57 -7.78
C8 EBL B . -7.22 -2.48 -6.49
C10 EBL B . -8.56 -2.74 -6.22
C11 EBL B . -9.31 -1.86 -5.46
C12 EBL B . -8.74 -0.71 -4.96
C23 EBL B . -7.40 -0.43 -5.22
C7 EBL B . -6.63 -1.31 -5.98
N2 EBL B . -9.54 0.18 -4.22
C13 EBL B . -10.67 0.79 -4.66
C22 EBL B . -11.26 1.84 -3.94
CL EBL B . -10.57 2.36 -2.43
C21 EBL B . -12.40 2.42 -4.45
N5 EBL B . -12.95 2.02 -5.60
C14 EBL B . -12.32 1.02 -6.23
N3 EBL B . -11.22 0.38 -5.81
N4 EBL B . -12.86 0.59 -7.38
C20 EBL B . -14.19 0.93 -7.85
C19 EBL B . -16.62 0.31 -7.88
O1 EBL B . -13.05 -3.08 -7.72
CL CL C . -8.39 -11.10 11.13
C1 EDO D . 4.37 0.58 11.37
O1 EDO D . 3.59 0.35 12.55
C2 EDO D . 3.84 1.84 10.61
O2 EDO D . 3.13 1.46 9.46
C1 EDO E . 3.70 21.14 4.64
O1 EDO E . 4.70 20.17 4.36
C2 EDO E . 2.32 20.51 4.55
O2 EDO E . 2.05 20.17 3.19
S DMS F . 9.47 -6.07 9.10
O DMS F . 10.45 -5.81 8.04
C1 DMS F . 10.01 -7.59 9.84
C2 DMS F . 9.92 -4.96 10.39
S DMS G . 14.37 -14.28 -8.41
O DMS G . 14.92 -13.63 -9.61
C1 DMS G . 14.33 -16.01 -8.80
C2 DMS G . 15.70 -14.28 -7.25
#